data_1VEC
#
_entry.id   1VEC
#
_cell.length_a   65.520
_cell.length_b   73.140
_cell.length_c   84.790
_cell.angle_alpha   90.00
_cell.angle_beta   90.00
_cell.angle_gamma   90.00
#
_symmetry.space_group_name_H-M   'P 21 21 21'
#
loop_
_entity.id
_entity.type
_entity.pdbx_description
1 polymer 'ATP-dependent RNA helicase p54'
2 non-polymer 'ZINC ION'
3 non-polymer 'L(+)-TARTARIC ACID'
4 water water
#
_entity_poly.entity_id   1
_entity_poly.type   'polypeptide(L)'
_entity_poly.pdbx_seq_one_letter_code
;KGNEFEDYCLKRELLMGIFEMGWEKPSPIQEESIPIALSGRDILARAKNGTGKSGAYLIPLLERLDLKKDNIQAMVIVPT
RELALQVSQICIQVSKHMGGAKVMATTGGTNLRDDIMRLDDTVHVVIATPGRILDLIKKGVAKVDHVQMIVLDEADKLLS
QDFVQIMEDIILTLPKNRQILLYSATFPLSVQKFMNSHLEKPYEIN
;
_entity_poly.pdbx_strand_id   A,B
#
loop_
_chem_comp.id
_chem_comp.type
_chem_comp.name
_chem_comp.formula
TLA non-polymer 'L(+)-TARTARIC ACID' 'C4 H6 O6'
ZN non-polymer 'ZINC ION' 'Zn 2'
#
# COMPACT_ATOMS: atom_id res chain seq x y z
N LYS A 1 27.51 -18.82 36.62
CA LYS A 1 26.45 -19.27 35.67
C LYS A 1 26.14 -18.25 34.57
N GLY A 2 25.04 -18.49 33.85
CA GLY A 2 24.63 -17.60 32.77
C GLY A 2 24.88 -18.18 31.39
N ASN A 3 25.23 -19.45 31.35
CA ASN A 3 25.50 -20.13 30.09
C ASN A 3 24.60 -21.33 29.93
N GLU A 4 23.41 -21.26 30.53
CA GLU A 4 22.41 -22.31 30.47
C GLU A 4 21.03 -21.68 30.25
N PHE A 5 20.22 -22.27 29.37
CA PHE A 5 18.91 -21.68 29.09
C PHE A 5 18.02 -21.40 30.27
N GLU A 6 17.98 -22.30 31.25
CA GLU A 6 17.13 -22.08 32.41
C GLU A 6 17.66 -20.98 33.35
N ASP A 7 18.78 -20.37 32.99
CA ASP A 7 19.33 -19.26 33.76
C ASP A 7 18.78 -17.94 33.23
N TYR A 8 17.91 -18.01 32.21
CA TYR A 8 17.39 -16.78 31.58
C TYR A 8 15.95 -16.37 31.85
N CYS A 9 15.29 -17.01 32.81
CA CYS A 9 13.92 -16.63 33.13
C CYS A 9 12.99 -16.81 31.93
N LEU A 10 12.88 -18.05 31.48
CA LEU A 10 12.04 -18.40 30.34
C LEU A 10 10.93 -19.33 30.78
N LYS A 11 9.79 -19.25 30.10
CA LYS A 11 8.67 -20.10 30.41
C LYS A 11 9.05 -21.56 30.17
N ARG A 12 8.56 -22.44 31.03
CA ARG A 12 8.86 -23.85 30.93
C ARG A 12 8.46 -24.38 29.54
N GLU A 13 7.28 -23.99 29.07
CA GLU A 13 6.81 -24.43 27.78
C GLU A 13 7.77 -24.00 26.67
N LEU A 14 8.33 -22.80 26.81
CA LEU A 14 9.28 -22.32 25.80
C LEU A 14 10.60 -23.09 25.86
N LEU A 15 11.08 -23.41 27.06
CA LEU A 15 12.30 -24.19 27.21
C LEU A 15 12.15 -25.53 26.50
N MET A 16 11.00 -26.15 26.67
CA MET A 16 10.75 -27.42 26.00
C MET A 16 11.01 -27.26 24.51
N GLY A 17 10.44 -26.21 23.90
CA GLY A 17 10.62 -25.99 22.49
C GLY A 17 12.07 -25.80 22.08
N ILE A 18 12.80 -25.02 22.87
CA ILE A 18 14.20 -24.75 22.60
C ILE A 18 14.99 -26.06 22.53
N PHE A 19 14.88 -26.86 23.58
CA PHE A 19 15.60 -28.13 23.63
C PHE A 19 15.16 -29.06 22.50
N GLU A 20 13.89 -28.99 22.08
CA GLU A 20 13.46 -29.86 20.99
C GLU A 20 14.06 -29.45 19.65
N MET A 21 14.79 -28.34 19.63
CA MET A 21 15.45 -27.87 18.41
C MET A 21 16.82 -28.52 18.36
N GLY A 22 17.25 -29.03 19.50
CA GLY A 22 18.57 -29.63 19.59
C GLY A 22 19.49 -28.64 20.26
N TRP A 23 18.95 -27.53 20.72
CA TRP A 23 19.77 -26.53 21.39
C TRP A 23 19.94 -26.86 22.86
N GLU A 24 20.98 -27.62 23.20
CA GLU A 24 21.21 -27.99 24.60
C GLU A 24 21.77 -26.85 25.41
N LYS A 25 22.79 -26.19 24.86
CA LYS A 25 23.41 -25.07 25.54
C LYS A 25 23.40 -23.85 24.63
N PRO A 26 23.22 -22.66 25.20
CA PRO A 26 23.20 -21.45 24.39
C PRO A 26 24.53 -21.09 23.74
N SER A 27 24.48 -20.70 22.46
CA SER A 27 25.68 -20.30 21.74
C SER A 27 26.10 -18.95 22.30
N PRO A 28 27.32 -18.48 21.97
CA PRO A 28 27.79 -17.19 22.50
C PRO A 28 26.89 -15.99 22.17
N ILE A 29 26.27 -16.00 20.99
CA ILE A 29 25.38 -14.93 20.58
C ILE A 29 24.07 -14.96 21.39
N GLN A 30 23.57 -16.16 21.67
CA GLN A 30 22.33 -16.30 22.43
C GLN A 30 22.55 -15.98 23.90
N GLU A 31 23.74 -16.32 24.40
CA GLU A 31 24.10 -16.10 25.79
C GLU A 31 24.19 -14.62 26.14
N GLU A 32 24.84 -13.87 25.28
CA GLU A 32 25.02 -12.45 25.50
C GLU A 32 23.75 -11.65 25.21
N SER A 33 23.00 -12.06 24.19
CA SER A 33 21.80 -11.32 23.81
C SER A 33 20.47 -11.67 24.47
N ILE A 34 20.19 -12.94 24.74
CA ILE A 34 18.90 -13.28 25.34
C ILE A 34 18.59 -12.53 26.64
N PRO A 35 19.51 -12.58 27.62
CA PRO A 35 19.16 -11.85 28.83
C PRO A 35 18.94 -10.35 28.60
N ILE A 36 19.76 -9.74 27.76
CA ILE A 36 19.61 -8.33 27.49
C ILE A 36 18.33 -7.98 26.75
N ALA A 37 18.00 -8.76 25.73
CA ALA A 37 16.78 -8.49 24.97
C ALA A 37 15.59 -8.66 25.91
N LEU A 38 15.65 -9.69 26.75
CA LEU A 38 14.58 -9.94 27.69
C LEU A 38 14.30 -8.75 28.58
N SER A 39 15.35 -7.99 28.93
CA SER A 39 15.17 -6.83 29.78
C SER A 39 14.52 -5.66 29.04
N GLY A 40 14.35 -5.78 27.73
CA GLY A 40 13.71 -4.73 26.96
C GLY A 40 14.60 -3.75 26.24
N ARG A 41 15.91 -3.94 26.38
CA ARG A 41 16.87 -3.04 25.74
C ARG A 41 17.09 -3.30 24.25
N ASP A 42 17.23 -2.20 23.48
CA ASP A 42 17.50 -2.29 22.05
C ASP A 42 18.86 -2.95 21.84
N ILE A 43 19.05 -3.62 20.72
CA ILE A 43 20.32 -4.29 20.46
C ILE A 43 20.80 -4.16 19.03
N LEU A 44 22.10 -4.00 18.87
CA LEU A 44 22.73 -3.95 17.56
C LEU A 44 23.77 -5.07 17.69
N ALA A 45 23.63 -6.11 16.87
CA ALA A 45 24.51 -7.27 16.97
C ALA A 45 25.16 -7.74 15.67
N ARG A 46 26.45 -8.03 15.70
CA ARG A 46 27.10 -8.53 14.50
C ARG A 46 26.91 -10.05 14.48
N ALA A 47 26.44 -10.57 13.36
CA ALA A 47 26.21 -12.00 13.20
C ALA A 47 26.23 -12.34 11.73
N LYS A 48 26.74 -13.52 11.39
CA LYS A 48 26.79 -13.90 10.00
C LYS A 48 25.40 -14.04 9.42
N ASN A 49 25.31 -13.96 8.10
CA ASN A 49 24.03 -14.11 7.42
C ASN A 49 23.51 -15.54 7.60
N GLY A 50 22.20 -15.71 7.54
CA GLY A 50 21.62 -17.04 7.72
C GLY A 50 20.76 -17.17 8.96
N THR A 51 20.31 -18.40 9.24
CA THR A 51 19.43 -18.67 10.38
C THR A 51 20.22 -19.00 11.63
N GLY A 52 21.53 -18.76 11.58
CA GLY A 52 22.37 -19.05 12.72
C GLY A 52 21.86 -18.38 13.98
N LYS A 53 21.73 -17.06 13.97
CA LYS A 53 21.29 -16.36 15.16
C LYS A 53 19.78 -16.27 15.37
N SER A 54 19.01 -17.00 14.57
CA SER A 54 17.54 -16.97 14.69
C SER A 54 17.12 -17.17 16.14
N GLY A 55 17.67 -18.19 16.79
CA GLY A 55 17.34 -18.43 18.18
C GLY A 55 17.64 -17.27 19.09
N ALA A 56 18.73 -16.54 18.83
CA ALA A 56 19.06 -15.42 19.70
C ALA A 56 17.91 -14.43 19.84
N TYR A 57 17.16 -14.15 18.77
CA TYR A 57 16.06 -13.20 18.93
C TYR A 57 14.68 -13.86 19.04
N LEU A 58 14.54 -15.06 18.51
CA LEU A 58 13.24 -15.75 18.59
C LEU A 58 12.84 -16.10 20.05
N ILE A 59 13.81 -16.56 20.84
CA ILE A 59 13.55 -16.90 22.24
C ILE A 59 13.04 -15.71 23.06
N PRO A 60 13.74 -14.57 23.06
CA PRO A 60 13.18 -13.47 23.86
C PRO A 60 11.90 -12.94 23.22
N LEU A 61 11.80 -13.07 21.90
CA LEU A 61 10.61 -12.61 21.20
C LEU A 61 9.42 -13.43 21.67
N LEU A 62 9.60 -14.74 21.72
CA LEU A 62 8.52 -15.62 22.15
C LEU A 62 8.19 -15.46 23.63
N GLU A 63 9.22 -15.28 24.46
CA GLU A 63 9.02 -15.11 25.89
C GLU A 63 8.17 -13.89 26.20
N ARG A 64 8.33 -12.85 25.43
CA ARG A 64 7.60 -11.61 25.65
C ARG A 64 6.13 -11.61 25.23
N LEU A 65 5.73 -12.55 24.36
CA LEU A 65 4.34 -12.61 23.92
C LEU A 65 3.38 -12.91 25.07
N ASP A 66 2.16 -12.40 24.96
CA ASP A 66 1.11 -12.65 25.93
C ASP A 66 0.06 -13.29 25.05
N LEU A 67 -0.07 -14.60 25.09
CA LEU A 67 -1.04 -15.25 24.23
C LEU A 67 -2.48 -14.98 24.62
N LYS A 68 -2.69 -14.08 25.57
CA LYS A 68 -4.04 -13.75 26.01
C LYS A 68 -4.58 -12.64 25.11
N LYS A 69 -3.65 -11.94 24.46
CA LYS A 69 -3.96 -10.84 23.54
C LYS A 69 -3.86 -11.39 22.11
N ASP A 70 -4.88 -11.14 21.28
CA ASP A 70 -4.89 -11.62 19.90
C ASP A 70 -4.30 -10.63 18.86
N ASN A 71 -3.55 -9.65 19.33
CA ASN A 71 -2.95 -8.65 18.44
C ASN A 71 -1.55 -9.07 18.05
N ILE A 72 -1.09 -8.57 16.92
CA ILE A 72 0.26 -8.86 16.48
C ILE A 72 1.13 -8.15 17.51
N GLN A 73 2.04 -8.88 18.15
CA GLN A 73 2.88 -8.28 19.18
C GLN A 73 4.35 -8.21 18.83
N ALA A 74 4.75 -8.88 17.77
CA ALA A 74 6.15 -8.88 17.37
C ALA A 74 6.28 -9.01 15.88
N MET A 75 7.35 -8.44 15.35
CA MET A 75 7.60 -8.50 13.93
C MET A 75 9.06 -8.76 13.66
N VAL A 76 9.32 -9.56 12.64
CA VAL A 76 10.69 -9.88 12.24
C VAL A 76 10.76 -9.53 10.74
N ILE A 77 11.71 -8.68 10.36
CA ILE A 77 11.87 -8.29 8.97
C ILE A 77 13.08 -8.98 8.37
N VAL A 78 12.90 -9.55 7.19
CA VAL A 78 14.01 -10.23 6.52
C VAL A 78 13.98 -9.81 5.06
N PRO A 79 15.11 -9.91 4.36
CA PRO A 79 15.20 -9.53 2.94
C PRO A 79 14.65 -10.50 1.91
N THR A 80 14.56 -11.77 2.28
CA THR A 80 14.06 -12.77 1.33
C THR A 80 12.95 -13.65 1.88
N ARG A 81 12.16 -14.18 0.97
CA ARG A 81 11.08 -15.07 1.34
C ARG A 81 11.67 -16.35 1.90
N GLU A 82 12.81 -16.74 1.37
CA GLU A 82 13.53 -17.94 1.81
C GLU A 82 13.87 -17.88 3.31
N LEU A 83 14.45 -16.77 3.75
CA LEU A 83 14.79 -16.64 5.15
C LEU A 83 13.53 -16.54 5.98
N ALA A 84 12.52 -15.84 5.45
CA ALA A 84 11.27 -15.69 6.18
C ALA A 84 10.70 -17.06 6.55
N LEU A 85 10.72 -18.01 5.60
CA LEU A 85 10.18 -19.34 5.85
C LEU A 85 11.03 -20.11 6.84
N GLN A 86 12.35 -20.04 6.68
CA GLN A 86 13.25 -20.74 7.58
C GLN A 86 13.07 -20.27 9.01
N VAL A 87 12.99 -18.97 9.18
CA VAL A 87 12.82 -18.37 10.51
C VAL A 87 11.43 -18.70 11.06
N SER A 88 10.43 -18.68 10.19
CA SER A 88 9.05 -18.97 10.62
C SER A 88 8.93 -20.44 11.05
N GLN A 89 9.56 -21.34 10.31
CA GLN A 89 9.48 -22.75 10.67
C GLN A 89 10.13 -22.95 12.04
N ILE A 90 11.31 -22.37 12.22
CA ILE A 90 11.99 -22.49 13.50
C ILE A 90 11.11 -21.93 14.62
N CYS A 91 10.53 -20.75 14.38
CA CYS A 91 9.68 -20.11 15.36
C CYS A 91 8.48 -21.00 15.71
N ILE A 92 7.86 -21.60 14.71
CA ILE A 92 6.71 -22.46 14.93
C ILE A 92 7.13 -23.69 15.72
N GLN A 93 8.33 -24.20 15.48
CA GLN A 93 8.80 -25.35 16.24
C GLN A 93 9.11 -25.03 17.69
N VAL A 94 9.81 -23.93 17.90
CA VAL A 94 10.17 -23.52 19.24
C VAL A 94 8.97 -23.18 20.12
N SER A 95 7.92 -22.65 19.54
CA SER A 95 6.74 -22.31 20.31
C SER A 95 5.67 -23.39 20.28
N LYS A 96 5.99 -24.56 19.74
CA LYS A 96 4.98 -25.62 19.61
C LYS A 96 4.23 -26.03 20.89
N HIS A 97 4.84 -25.86 22.06
CA HIS A 97 4.21 -26.25 23.31
C HIS A 97 3.68 -25.05 24.13
N MET A 98 3.73 -23.86 23.56
CA MET A 98 3.30 -22.66 24.27
C MET A 98 1.79 -22.47 24.37
N GLY A 99 1.02 -23.32 23.70
CA GLY A 99 -0.42 -23.23 23.80
C GLY A 99 -1.15 -22.27 22.87
N GLY A 100 -0.77 -22.23 21.61
CA GLY A 100 -1.47 -21.35 20.68
C GLY A 100 -0.77 -20.15 20.07
N ALA A 101 0.56 -20.16 20.05
CA ALA A 101 1.27 -19.04 19.43
C ALA A 101 1.00 -19.10 17.93
N LYS A 102 0.65 -17.97 17.33
CA LYS A 102 0.38 -17.94 15.90
C LYS A 102 1.38 -17.16 15.12
N VAL A 103 2.04 -17.83 14.20
CA VAL A 103 3.05 -17.19 13.36
C VAL A 103 2.55 -17.08 11.94
N MET A 104 2.95 -15.99 11.28
CA MET A 104 2.58 -15.77 9.89
C MET A 104 3.71 -15.14 9.09
N ALA A 105 4.07 -15.78 7.99
CA ALA A 105 5.11 -15.29 7.11
C ALA A 105 4.39 -14.63 5.96
N THR A 106 4.83 -13.44 5.56
CA THR A 106 4.20 -12.80 4.43
C THR A 106 5.25 -12.05 3.65
N THR A 107 5.43 -12.49 2.40
CA THR A 107 6.45 -11.94 1.51
C THR A 107 5.96 -11.78 0.07
N GLY A 108 6.85 -11.31 -0.79
CA GLY A 108 6.50 -11.14 -2.18
C GLY A 108 6.02 -12.44 -2.81
N GLY A 109 6.48 -13.56 -2.27
CA GLY A 109 6.04 -14.85 -2.80
C GLY A 109 4.54 -15.07 -2.68
N THR A 110 4.08 -15.36 -1.46
CA THR A 110 2.67 -15.59 -1.18
C THR A 110 1.83 -14.46 -1.75
N ASN A 111 0.76 -14.78 -2.49
CA ASN A 111 -0.11 -13.75 -3.08
C ASN A 111 -0.83 -12.92 -2.02
N LEU A 112 -0.88 -11.62 -2.24
CA LEU A 112 -1.49 -10.67 -1.34
C LEU A 112 -2.88 -11.06 -0.83
N ARG A 113 -3.78 -11.39 -1.76
CA ARG A 113 -5.14 -11.78 -1.41
C ARG A 113 -5.23 -12.74 -0.23
N ASP A 114 -4.53 -13.86 -0.33
CA ASP A 114 -4.60 -14.85 0.75
C ASP A 114 -4.12 -14.31 2.08
N ASP A 115 -3.05 -13.53 2.05
CA ASP A 115 -2.54 -12.98 3.29
C ASP A 115 -3.53 -12.00 3.95
N ILE A 116 -4.29 -11.26 3.15
CA ILE A 116 -5.29 -10.33 3.68
C ILE A 116 -6.27 -11.15 4.48
N MET A 117 -6.75 -12.21 3.87
CA MET A 117 -7.71 -13.09 4.51
C MET A 117 -7.13 -13.66 5.79
N ARG A 118 -5.92 -14.22 5.70
CA ARG A 118 -5.28 -14.79 6.89
C ARG A 118 -5.15 -13.82 8.07
N LEU A 119 -4.98 -12.54 7.78
CA LEU A 119 -4.84 -11.58 8.85
C LEU A 119 -6.17 -11.29 9.57
N ASP A 120 -7.22 -12.01 9.21
CA ASP A 120 -8.52 -11.85 9.86
C ASP A 120 -8.55 -12.69 11.13
N ASP A 121 -7.68 -13.70 11.16
CA ASP A 121 -7.55 -14.61 12.30
C ASP A 121 -6.42 -14.07 13.13
N THR A 122 -6.31 -14.58 14.36
CA THR A 122 -5.28 -14.17 15.29
C THR A 122 -3.89 -14.47 14.78
N VAL A 123 -3.02 -13.47 14.86
CA VAL A 123 -1.62 -13.62 14.46
C VAL A 123 -0.78 -12.87 15.53
N HIS A 124 0.16 -13.57 16.16
CA HIS A 124 0.96 -12.92 17.19
C HIS A 124 2.29 -12.41 16.68
N VAL A 125 2.88 -13.18 15.79
CA VAL A 125 4.17 -12.87 15.24
C VAL A 125 4.12 -12.86 13.74
N VAL A 126 4.55 -11.75 13.15
CA VAL A 126 4.58 -11.60 11.71
C VAL A 126 6.05 -11.58 11.29
N ILE A 127 6.39 -12.43 10.33
CA ILE A 127 7.75 -12.52 9.81
C ILE A 127 7.54 -12.17 8.35
N ALA A 128 8.23 -11.14 7.86
CA ALA A 128 7.98 -10.69 6.49
C ALA A 128 9.08 -9.94 5.79
N THR A 129 8.89 -9.78 4.48
CA THR A 129 9.82 -9.01 3.65
C THR A 129 9.32 -7.56 3.69
N PRO A 130 10.22 -6.58 3.53
CA PRO A 130 9.88 -5.16 3.56
C PRO A 130 8.61 -4.65 2.90
N GLY A 131 8.52 -4.79 1.57
CA GLY A 131 7.37 -4.29 0.85
C GLY A 131 6.00 -4.84 1.24
N ARG A 132 5.92 -6.17 1.33
CA ARG A 132 4.67 -6.82 1.67
C ARG A 132 4.09 -6.36 2.99
N ILE A 133 4.89 -6.31 4.04
CA ILE A 133 4.33 -5.89 5.31
C ILE A 133 3.93 -4.41 5.30
N LEU A 134 4.70 -3.55 4.63
CA LEU A 134 4.33 -2.13 4.58
C LEU A 134 2.98 -2.02 3.87
N ASP A 135 2.82 -2.81 2.82
CA ASP A 135 1.57 -2.80 2.06
C ASP A 135 0.41 -3.23 2.96
N LEU A 136 0.60 -4.30 3.71
CA LEU A 136 -0.43 -4.82 4.60
C LEU A 136 -0.76 -3.85 5.72
N ILE A 137 0.24 -3.06 6.13
CA ILE A 137 0.01 -2.09 7.18
C ILE A 137 -0.81 -0.90 6.65
N LYS A 138 -0.39 -0.36 5.52
CA LYS A 138 -1.08 0.78 4.92
C LYS A 138 -2.55 0.43 4.61
N LYS A 139 -2.80 -0.79 4.14
CA LYS A 139 -4.17 -1.21 3.81
C LYS A 139 -5.01 -1.36 5.08
N GLY A 140 -4.36 -1.31 6.23
CA GLY A 140 -5.06 -1.44 7.48
C GLY A 140 -5.42 -2.87 7.82
N VAL A 141 -4.77 -3.83 7.17
CA VAL A 141 -5.04 -5.25 7.41
C VAL A 141 -4.16 -5.79 8.54
N ALA A 142 -2.92 -5.34 8.58
CA ALA A 142 -1.98 -5.72 9.64
C ALA A 142 -1.99 -4.59 10.67
N LYS A 143 -2.73 -4.77 11.77
CA LYS A 143 -2.78 -3.74 12.81
C LYS A 143 -1.52 -3.93 13.66
N VAL A 144 -0.67 -2.91 13.72
CA VAL A 144 0.58 -3.00 14.45
C VAL A 144 0.70 -2.08 15.65
N ASP A 145 -0.42 -1.57 16.13
CA ASP A 145 -0.45 -0.65 17.27
C ASP A 145 -0.10 -1.36 18.58
N HIS A 146 0.13 -2.66 18.52
CA HIS A 146 0.53 -3.41 19.71
C HIS A 146 1.89 -4.03 19.50
N VAL A 147 2.59 -3.66 18.44
CA VAL A 147 3.89 -4.25 18.20
C VAL A 147 4.82 -3.71 19.28
N GLN A 148 5.35 -4.60 20.10
CA GLN A 148 6.26 -4.20 21.17
C GLN A 148 7.69 -4.49 20.82
N MET A 149 7.89 -5.30 19.79
CA MET A 149 9.24 -5.67 19.39
C MET A 149 9.31 -5.88 17.89
N ILE A 150 10.38 -5.38 17.29
CA ILE A 150 10.61 -5.57 15.88
C ILE A 150 12.06 -5.94 15.74
N VAL A 151 12.31 -6.99 14.97
CA VAL A 151 13.67 -7.46 14.71
C VAL A 151 14.02 -7.18 13.25
N LEU A 152 15.23 -6.70 13.01
CA LEU A 152 15.74 -6.50 11.64
C LEU A 152 16.84 -7.54 11.50
N ASP A 153 16.57 -8.59 10.73
CA ASP A 153 17.53 -9.68 10.50
C ASP A 153 18.22 -9.42 9.15
N GLU A 154 19.53 -9.15 9.18
CA GLU A 154 20.34 -8.82 8.00
C GLU A 154 20.05 -7.35 7.67
N ALA A 155 20.22 -6.52 8.69
CA ALA A 155 19.95 -5.09 8.57
C ALA A 155 20.71 -4.40 7.45
N ASP A 156 21.89 -4.89 7.09
CA ASP A 156 22.61 -4.25 6.00
C ASP A 156 21.83 -4.42 4.69
N LYS A 157 21.31 -5.61 4.44
CA LYS A 157 20.54 -5.82 3.21
C LYS A 157 19.21 -5.07 3.26
N LEU A 158 18.57 -5.04 4.44
CA LEU A 158 17.30 -4.33 4.58
C LEU A 158 17.43 -2.83 4.51
N LEU A 159 18.62 -2.32 4.75
CA LEU A 159 18.81 -0.89 4.73
C LEU A 159 19.56 -0.40 3.50
N SER A 160 19.52 -1.21 2.44
CA SER A 160 20.15 -0.84 1.20
C SER A 160 19.26 0.24 0.61
N GLN A 161 19.75 0.89 -0.42
CA GLN A 161 19.01 1.97 -1.07
C GLN A 161 17.63 1.60 -1.56
N ASP A 162 17.41 0.34 -1.91
CA ASP A 162 16.09 -0.07 -2.39
C ASP A 162 15.04 -0.27 -1.31
N PHE A 163 15.47 -0.55 -0.08
CA PHE A 163 14.50 -0.80 0.99
C PHE A 163 14.52 0.19 2.12
N VAL A 164 15.63 0.91 2.25
CA VAL A 164 15.77 1.88 3.34
C VAL A 164 14.53 2.72 3.58
N GLN A 165 13.94 3.24 2.51
CA GLN A 165 12.76 4.07 2.68
C GLN A 165 11.56 3.28 3.16
N ILE A 166 11.44 2.04 2.70
CA ILE A 166 10.34 1.18 3.10
C ILE A 166 10.52 0.89 4.60
N MET A 167 11.76 0.66 5.03
CA MET A 167 11.99 0.38 6.46
C MET A 167 11.61 1.60 7.30
N GLU A 168 11.95 2.77 6.78
CA GLU A 168 11.66 3.99 7.50
C GLU A 168 10.15 4.14 7.72
N ASP A 169 9.38 3.82 6.67
CA ASP A 169 7.93 3.93 6.69
C ASP A 169 7.32 2.90 7.64
N ILE A 170 7.95 1.73 7.73
CA ILE A 170 7.46 0.68 8.61
C ILE A 170 7.59 1.18 10.05
N ILE A 171 8.82 1.51 10.43
CA ILE A 171 9.07 2.02 11.77
C ILE A 171 8.08 3.10 12.17
N LEU A 172 7.79 4.01 11.25
CA LEU A 172 6.86 5.11 11.56
C LEU A 172 5.45 4.68 11.96
N THR A 173 5.04 3.49 11.56
CA THR A 173 3.70 3.02 11.92
C THR A 173 3.67 2.30 13.26
N LEU A 174 4.83 2.04 13.85
CA LEU A 174 4.86 1.29 15.10
C LEU A 174 4.83 2.19 16.34
N PRO A 175 4.45 1.64 17.52
CA PRO A 175 4.42 2.46 18.73
C PRO A 175 5.80 3.06 18.88
N LYS A 176 5.86 4.31 19.31
CA LYS A 176 7.11 5.04 19.46
C LYS A 176 8.20 4.34 20.26
N ASN A 177 7.82 3.68 21.34
CA ASN A 177 8.85 3.04 22.12
C ASN A 177 8.95 1.54 21.93
N ARG A 178 8.84 1.07 20.69
CA ARG A 178 8.95 -0.35 20.46
C ARG A 178 10.41 -0.80 20.60
N GLN A 179 10.60 -2.03 21.06
CA GLN A 179 11.94 -2.56 21.22
C GLN A 179 12.45 -2.94 19.83
N ILE A 180 13.71 -2.62 19.57
CA ILE A 180 14.29 -2.93 18.29
C ILE A 180 15.56 -3.73 18.44
N LEU A 181 15.57 -4.90 17.81
CA LEU A 181 16.72 -5.78 17.85
C LEU A 181 17.23 -5.84 16.43
N LEU A 182 18.48 -5.47 16.25
CA LEU A 182 19.05 -5.42 14.94
C LEU A 182 20.23 -6.36 14.80
N TYR A 183 20.18 -7.24 13.80
CA TYR A 183 21.24 -8.22 13.57
C TYR A 183 21.74 -8.05 12.15
N SER A 184 23.07 -7.99 12.00
CA SER A 184 23.66 -7.78 10.68
C SER A 184 25.12 -8.19 10.63
N ALA A 185 25.52 -8.67 9.46
CA ALA A 185 26.89 -9.10 9.21
C ALA A 185 27.81 -7.87 9.16
N THR A 186 27.35 -6.79 8.54
CA THR A 186 28.15 -5.57 8.44
C THR A 186 27.43 -4.34 8.98
N PHE A 187 28.21 -3.32 9.31
CA PHE A 187 27.67 -2.07 9.84
C PHE A 187 27.97 -0.83 8.96
N PRO A 188 27.48 -0.80 7.71
CA PRO A 188 27.73 0.32 6.81
C PRO A 188 27.07 1.59 7.35
N LEU A 189 27.35 2.72 6.71
CA LEU A 189 26.78 3.99 7.12
C LEU A 189 25.26 3.89 7.23
N SER A 190 24.62 3.24 6.26
CA SER A 190 23.15 3.09 6.27
C SER A 190 22.63 2.46 7.57
N VAL A 191 23.37 1.49 8.10
CA VAL A 191 22.96 0.82 9.34
C VAL A 191 23.20 1.76 10.53
N GLN A 192 24.33 2.47 10.49
CA GLN A 192 24.70 3.43 11.52
C GLN A 192 23.67 4.54 11.62
N LYS A 193 23.20 5.00 10.47
CA LYS A 193 22.23 6.09 10.41
C LYS A 193 20.90 5.67 11.00
N PHE A 194 20.39 4.54 10.51
CA PHE A 194 19.14 3.99 10.97
C PHE A 194 19.24 3.77 12.48
N MET A 195 20.38 3.24 12.92
CA MET A 195 20.57 2.98 14.35
C MET A 195 20.55 4.26 15.17
N ASN A 196 21.27 5.27 14.75
CA ASN A 196 21.29 6.54 15.50
C ASN A 196 19.90 7.16 15.57
N SER A 197 19.14 7.03 14.50
CA SER A 197 17.79 7.59 14.39
C SER A 197 16.72 6.90 15.20
N HIS A 198 16.74 5.58 15.28
CA HIS A 198 15.67 4.88 16.00
C HIS A 198 15.99 4.09 17.23
N LEU A 199 17.21 3.57 17.36
CA LEU A 199 17.51 2.77 18.54
C LEU A 199 17.81 3.65 19.74
N GLU A 200 17.39 3.21 20.93
CA GLU A 200 17.60 3.96 22.16
C GLU A 200 18.66 3.32 23.06
N LYS A 201 19.78 4.02 23.27
CA LYS A 201 20.88 3.50 24.11
C LYS A 201 21.05 2.00 23.83
N PRO A 202 21.27 1.64 22.57
CA PRO A 202 21.43 0.24 22.18
C PRO A 202 22.67 -0.47 22.70
N TYR A 203 22.50 -1.72 23.09
CA TYR A 203 23.62 -2.53 23.54
C TYR A 203 24.20 -3.14 22.26
N GLU A 204 25.51 -2.93 22.04
CA GLU A 204 26.18 -3.46 20.85
C GLU A 204 26.92 -4.76 21.13
N ILE A 205 27.03 -5.60 20.10
CA ILE A 205 27.72 -6.88 20.19
C ILE A 205 28.53 -7.10 18.91
N ASN A 206 29.85 -7.05 18.98
CA ASN A 206 30.66 -7.27 17.78
C ASN A 206 31.04 -8.75 17.63
N LYS B 1 -19.00 -16.03 -3.27
CA LYS B 1 -20.45 -16.19 -3.59
C LYS B 1 -21.19 -14.84 -3.53
N GLY B 2 -20.45 -13.75 -3.63
CA GLY B 2 -21.04 -12.42 -3.60
C GLY B 2 -20.16 -11.34 -4.23
N ASN B 3 -20.62 -10.09 -4.18
CA ASN B 3 -19.92 -8.95 -4.75
C ASN B 3 -19.87 -9.04 -6.27
N GLU B 4 -20.94 -8.53 -6.90
CA GLU B 4 -21.06 -8.58 -8.35
C GLU B 4 -21.44 -7.23 -8.95
N PHE B 5 -21.08 -7.00 -10.20
CA PHE B 5 -21.42 -5.73 -10.84
C PHE B 5 -22.91 -5.44 -10.82
N GLU B 6 -23.71 -6.49 -10.93
CA GLU B 6 -25.17 -6.36 -10.92
C GLU B 6 -25.70 -5.87 -9.58
N ASP B 7 -24.84 -5.85 -8.57
CA ASP B 7 -25.25 -5.39 -7.24
C ASP B 7 -25.23 -3.86 -7.18
N TYR B 8 -24.55 -3.24 -8.13
CA TYR B 8 -24.45 -1.78 -8.13
C TYR B 8 -25.47 -1.21 -9.10
N CYS B 9 -25.93 0.01 -8.83
CA CYS B 9 -26.91 0.60 -9.71
C CYS B 9 -26.28 1.05 -11.01
N LEU B 10 -26.14 0.12 -11.95
CA LEU B 10 -25.55 0.46 -13.23
C LEU B 10 -26.52 0.16 -14.34
N LYS B 11 -26.55 1.02 -15.36
CA LYS B 11 -27.44 0.84 -16.50
C LYS B 11 -27.07 -0.47 -17.22
N ARG B 12 -28.05 -1.11 -17.85
CA ARG B 12 -27.76 -2.35 -18.57
C ARG B 12 -26.68 -2.09 -19.60
N GLU B 13 -26.79 -0.96 -20.32
CA GLU B 13 -25.81 -0.66 -21.35
C GLU B 13 -24.39 -0.65 -20.79
N LEU B 14 -24.26 -0.25 -19.54
CA LEU B 14 -22.95 -0.21 -18.90
C LEU B 14 -22.53 -1.61 -18.47
N LEU B 15 -23.49 -2.38 -17.99
CA LEU B 15 -23.19 -3.74 -17.59
C LEU B 15 -22.72 -4.50 -18.83
N MET B 16 -23.37 -4.24 -19.96
CA MET B 16 -23.02 -4.89 -21.21
C MET B 16 -21.56 -4.66 -21.60
N GLY B 17 -21.05 -3.45 -21.37
CA GLY B 17 -19.67 -3.16 -21.73
C GLY B 17 -18.69 -3.81 -20.76
N ILE B 18 -19.09 -3.83 -19.50
CA ILE B 18 -18.28 -4.43 -18.42
C ILE B 18 -18.08 -5.90 -18.70
N PHE B 19 -19.17 -6.62 -18.94
CA PHE B 19 -19.02 -8.04 -19.22
C PHE B 19 -18.25 -8.31 -20.51
N GLU B 20 -18.49 -7.54 -21.56
CA GLU B 20 -17.76 -7.78 -22.80
C GLU B 20 -16.26 -7.58 -22.58
N MET B 21 -15.90 -6.66 -21.69
CA MET B 21 -14.50 -6.39 -21.38
C MET B 21 -13.88 -7.63 -20.74
N GLY B 22 -14.73 -8.53 -20.26
CA GLY B 22 -14.22 -9.74 -19.63
C GLY B 22 -14.15 -9.53 -18.13
N TRP B 23 -14.75 -8.45 -17.63
CA TRP B 23 -14.74 -8.17 -16.19
C TRP B 23 -15.96 -8.87 -15.59
N GLU B 24 -15.79 -10.12 -15.20
CA GLU B 24 -16.89 -10.90 -14.67
C GLU B 24 -17.28 -10.47 -13.27
N LYS B 25 -16.28 -10.37 -12.40
CA LYS B 25 -16.45 -10.00 -11.00
C LYS B 25 -15.52 -8.84 -10.66
N PRO B 26 -16.03 -7.83 -9.94
CA PRO B 26 -15.23 -6.67 -9.56
C PRO B 26 -13.95 -7.01 -8.81
N SER B 27 -12.84 -6.42 -9.22
CA SER B 27 -11.56 -6.64 -8.55
C SER B 27 -11.65 -5.92 -7.19
N PRO B 28 -10.60 -6.03 -6.36
CA PRO B 28 -10.62 -5.38 -5.04
C PRO B 28 -10.75 -3.87 -5.11
N ILE B 29 -10.00 -3.23 -6.00
CA ILE B 29 -10.12 -1.79 -6.09
C ILE B 29 -11.51 -1.40 -6.61
N GLN B 30 -12.05 -2.22 -7.51
CA GLN B 30 -13.37 -1.99 -8.07
C GLN B 30 -14.49 -2.14 -7.05
N GLU B 31 -14.50 -3.26 -6.33
CA GLU B 31 -15.55 -3.50 -5.33
C GLU B 31 -15.54 -2.49 -4.18
N GLU B 32 -14.36 -1.98 -3.82
CA GLU B 32 -14.33 -1.03 -2.72
C GLU B 32 -14.14 0.42 -3.13
N SER B 33 -14.66 0.78 -4.30
CA SER B 33 -14.57 2.15 -4.79
C SER B 33 -15.76 2.53 -5.70
N ILE B 34 -16.30 1.55 -6.43
CA ILE B 34 -17.44 1.77 -7.34
C ILE B 34 -18.74 2.17 -6.62
N PRO B 35 -19.18 1.38 -5.62
CA PRO B 35 -20.43 1.77 -4.95
C PRO B 35 -20.33 3.13 -4.28
N ILE B 36 -19.18 3.43 -3.70
CA ILE B 36 -19.02 4.74 -3.06
C ILE B 36 -18.93 5.87 -4.09
N ALA B 37 -18.15 5.69 -5.16
CA ALA B 37 -18.03 6.73 -6.17
C ALA B 37 -19.38 7.05 -6.80
N LEU B 38 -20.18 6.01 -7.02
CA LEU B 38 -21.51 6.16 -7.60
C LEU B 38 -22.38 7.03 -6.74
N SER B 39 -22.19 6.97 -5.43
CA SER B 39 -23.01 7.78 -4.55
C SER B 39 -22.68 9.28 -4.66
N GLY B 40 -21.48 9.63 -5.15
CA GLY B 40 -21.13 11.04 -5.29
C GLY B 40 -19.97 11.55 -4.45
N ARG B 41 -19.56 10.74 -3.48
CA ARG B 41 -18.47 11.11 -2.56
C ARG B 41 -17.08 11.06 -3.20
N ASP B 42 -16.22 12.01 -2.85
CA ASP B 42 -14.87 12.05 -3.39
C ASP B 42 -14.10 10.82 -2.95
N ILE B 43 -13.21 10.35 -3.82
CA ILE B 43 -12.41 9.17 -3.50
C ILE B 43 -10.92 9.50 -3.43
N LEU B 44 -10.26 8.86 -2.46
CA LEU B 44 -8.83 9.01 -2.29
C LEU B 44 -8.31 7.57 -2.31
N ALA B 45 -7.71 7.17 -3.42
CA ALA B 45 -7.25 5.79 -3.59
C ALA B 45 -5.78 5.57 -3.89
N ARG B 46 -5.18 4.63 -3.14
CA ARG B 46 -3.77 4.26 -3.35
C ARG B 46 -3.84 3.14 -4.39
N ALA B 47 -3.09 3.26 -5.48
CA ALA B 47 -3.09 2.26 -6.53
C ALA B 47 -1.80 2.36 -7.37
N LYS B 48 -1.33 1.20 -7.84
CA LYS B 48 -0.11 1.14 -8.64
C LYS B 48 -0.33 1.82 -9.98
N ASN B 49 0.75 2.37 -10.52
CA ASN B 49 0.72 3.05 -11.80
C ASN B 49 0.33 2.08 -12.92
N GLY B 50 -0.49 2.56 -13.85
CA GLY B 50 -0.92 1.73 -14.96
C GLY B 50 -2.33 2.02 -15.41
N THR B 51 -3.02 1.02 -15.96
CA THR B 51 -4.40 1.19 -16.42
C THR B 51 -5.27 0.14 -15.75
N GLY B 52 -4.70 -0.59 -14.80
CA GLY B 52 -5.46 -1.62 -14.12
C GLY B 52 -6.51 -1.02 -13.20
N LYS B 53 -6.42 0.28 -12.95
CA LYS B 53 -7.37 0.95 -12.06
C LYS B 53 -8.42 1.73 -12.83
N SER B 54 -8.17 1.98 -14.10
CA SER B 54 -9.09 2.73 -14.93
C SER B 54 -10.48 2.11 -14.85
N GLY B 55 -10.54 0.79 -14.72
CA GLY B 55 -11.85 0.14 -14.63
C GLY B 55 -12.64 0.70 -13.45
N ALA B 56 -11.95 0.94 -12.33
CA ALA B 56 -12.61 1.44 -11.13
C ALA B 56 -13.21 2.84 -11.23
N TYR B 57 -12.59 3.74 -11.98
CA TYR B 57 -13.17 5.07 -12.04
C TYR B 57 -13.99 5.30 -13.26
N LEU B 58 -13.75 4.56 -14.33
CA LEU B 58 -14.53 4.77 -15.54
C LEU B 58 -15.98 4.34 -15.40
N ILE B 59 -16.20 3.28 -14.63
CA ILE B 59 -17.55 2.77 -14.45
C ILE B 59 -18.47 3.78 -13.80
N PRO B 60 -18.10 4.33 -12.64
CA PRO B 60 -19.02 5.30 -12.04
C PRO B 60 -19.09 6.56 -12.91
N LEU B 61 -17.99 6.89 -13.57
CA LEU B 61 -17.95 8.08 -14.44
C LEU B 61 -18.93 7.96 -15.59
N LEU B 62 -18.92 6.82 -16.27
CA LEU B 62 -19.82 6.60 -17.40
C LEU B 62 -21.25 6.51 -16.90
N GLU B 63 -21.43 5.96 -15.70
CA GLU B 63 -22.77 5.85 -15.13
C GLU B 63 -23.41 7.21 -14.84
N ARG B 64 -22.60 8.19 -14.46
CA ARG B 64 -23.07 9.52 -14.13
C ARG B 64 -23.55 10.32 -15.33
N LEU B 65 -23.03 10.00 -16.51
CA LEU B 65 -23.39 10.72 -17.73
C LEU B 65 -24.87 10.66 -18.17
N ASP B 66 -25.33 11.79 -18.70
CA ASP B 66 -26.68 11.89 -19.25
C ASP B 66 -26.37 12.20 -20.71
N LEU B 67 -26.52 11.21 -21.58
CA LEU B 67 -26.20 11.39 -23.00
C LEU B 67 -27.10 12.34 -23.76
N LYS B 68 -28.13 12.84 -23.10
CA LYS B 68 -29.06 13.77 -23.71
C LYS B 68 -28.59 15.22 -23.58
N LYS B 69 -27.59 15.42 -22.73
CA LYS B 69 -27.03 16.76 -22.53
C LYS B 69 -25.80 16.91 -23.42
N ASP B 70 -25.78 17.98 -24.21
CA ASP B 70 -24.67 18.26 -25.11
C ASP B 70 -23.61 19.11 -24.46
N ASN B 71 -22.92 18.55 -23.48
CA ASN B 71 -21.86 19.27 -22.81
C ASN B 71 -20.95 18.29 -22.06
N ILE B 72 -19.71 18.70 -21.85
CA ILE B 72 -18.71 17.90 -21.16
C ILE B 72 -19.17 17.72 -19.72
N GLN B 73 -19.29 16.48 -19.26
CA GLN B 73 -19.73 16.23 -17.90
C GLN B 73 -18.68 15.59 -17.01
N ALA B 74 -17.63 15.07 -17.61
CA ALA B 74 -16.59 14.43 -16.81
C ALA B 74 -15.26 14.53 -17.48
N MET B 75 -14.21 14.54 -16.67
CA MET B 75 -12.87 14.61 -17.22
C MET B 75 -11.95 13.71 -16.42
N VAL B 76 -10.95 13.18 -17.11
CA VAL B 76 -9.94 12.34 -16.51
C VAL B 76 -8.63 12.99 -16.92
N ILE B 77 -7.78 13.30 -15.94
CA ILE B 77 -6.49 13.92 -16.24
C ILE B 77 -5.38 12.88 -16.03
N VAL B 78 -4.52 12.75 -17.03
CA VAL B 78 -3.40 11.80 -16.94
C VAL B 78 -2.11 12.59 -17.21
N PRO B 79 -0.98 12.13 -16.68
CA PRO B 79 0.27 12.84 -16.90
C PRO B 79 0.95 12.67 -18.24
N THR B 80 0.57 11.68 -19.01
CA THR B 80 1.21 11.50 -20.31
C THR B 80 0.24 11.16 -21.42
N ARG B 81 0.69 11.39 -22.65
CA ARG B 81 -0.13 11.10 -23.82
C ARG B 81 -0.40 9.60 -23.87
N GLU B 82 0.64 8.80 -23.65
CA GLU B 82 0.50 7.35 -23.68
C GLU B 82 -0.68 6.90 -22.83
N LEU B 83 -0.72 7.37 -21.58
CA LEU B 83 -1.78 6.96 -20.69
C LEU B 83 -3.12 7.47 -21.18
N ALA B 84 -3.17 8.71 -21.64
CA ALA B 84 -4.43 9.27 -22.15
C ALA B 84 -5.03 8.38 -23.24
N LEU B 85 -4.20 7.96 -24.20
CA LEU B 85 -4.71 7.11 -25.27
C LEU B 85 -5.24 5.76 -24.72
N GLN B 86 -4.49 5.14 -23.81
CA GLN B 86 -4.87 3.87 -23.19
C GLN B 86 -6.19 3.97 -22.43
N VAL B 87 -6.32 4.97 -21.57
CA VAL B 87 -7.52 5.15 -20.77
C VAL B 87 -8.68 5.40 -21.69
N SER B 88 -8.40 6.22 -22.70
CA SER B 88 -9.35 6.60 -23.73
C SER B 88 -9.88 5.39 -24.48
N GLN B 89 -8.99 4.44 -24.79
CA GLN B 89 -9.41 3.25 -25.50
C GLN B 89 -10.28 2.38 -24.63
N ILE B 90 -9.90 2.22 -23.37
CA ILE B 90 -10.69 1.42 -22.44
C ILE B 90 -12.04 2.08 -22.27
N CYS B 91 -12.06 3.40 -22.14
CA CYS B 91 -13.33 4.09 -21.97
C CYS B 91 -14.28 3.83 -23.12
N ILE B 92 -13.75 3.82 -24.34
CA ILE B 92 -14.55 3.59 -25.53
C ILE B 92 -15.11 2.16 -25.48
N GLN B 93 -14.28 1.19 -25.11
CA GLN B 93 -14.75 -0.18 -25.02
C GLN B 93 -15.85 -0.39 -24.00
N VAL B 94 -15.64 0.05 -22.77
CA VAL B 94 -16.62 -0.11 -21.69
C VAL B 94 -17.96 0.56 -22.02
N SER B 95 -17.89 1.67 -22.76
CA SER B 95 -19.08 2.42 -23.08
C SER B 95 -19.67 2.18 -24.47
N LYS B 96 -19.13 1.21 -25.20
CA LYS B 96 -19.59 0.94 -26.56
C LYS B 96 -21.08 0.70 -26.75
N HIS B 97 -21.73 0.07 -25.79
CA HIS B 97 -23.16 -0.22 -25.91
C HIS B 97 -24.06 0.85 -25.34
N MET B 98 -23.48 1.93 -24.82
CA MET B 98 -24.28 3.00 -24.24
C MET B 98 -25.04 3.83 -25.25
N GLY B 99 -24.73 3.63 -26.53
CA GLY B 99 -25.43 4.33 -27.60
C GLY B 99 -25.33 5.84 -27.71
N GLY B 100 -24.13 6.38 -27.62
CA GLY B 100 -23.99 7.81 -27.72
C GLY B 100 -22.89 8.44 -26.90
N ALA B 101 -22.26 7.66 -26.03
CA ALA B 101 -21.19 8.22 -25.20
C ALA B 101 -20.11 8.80 -26.10
N LYS B 102 -19.90 10.11 -25.99
CA LYS B 102 -18.91 10.78 -26.80
C LYS B 102 -17.64 10.99 -25.99
N VAL B 103 -16.59 10.28 -26.39
CA VAL B 103 -15.34 10.39 -25.67
C VAL B 103 -14.28 11.08 -26.50
N MET B 104 -13.57 12.00 -25.87
CA MET B 104 -12.51 12.70 -26.57
C MET B 104 -11.22 12.73 -25.76
N ALA B 105 -10.15 12.31 -26.41
CA ALA B 105 -8.84 12.32 -25.77
C ALA B 105 -8.08 13.46 -26.44
N THR B 106 -7.45 14.31 -25.64
CA THR B 106 -6.70 15.44 -26.18
C THR B 106 -5.39 15.68 -25.40
N THR B 107 -4.32 15.94 -26.14
CA THR B 107 -3.02 16.20 -25.54
C THR B 107 -2.30 17.22 -26.41
N GLY B 108 -1.10 17.61 -25.99
CA GLY B 108 -0.34 18.59 -26.74
C GLY B 108 0.03 18.12 -28.13
N GLY B 109 -0.12 16.82 -28.37
CA GLY B 109 0.21 16.25 -29.65
C GLY B 109 -0.86 16.44 -30.71
N THR B 110 -2.06 16.88 -30.33
CA THR B 110 -3.11 17.08 -31.32
C THR B 110 -3.24 18.56 -31.69
N ASN B 111 -3.46 18.81 -32.97
CA ASN B 111 -3.60 20.17 -33.46
C ASN B 111 -4.81 20.90 -32.86
N LEU B 112 -4.60 22.14 -32.43
CA LEU B 112 -5.64 22.95 -31.83
C LEU B 112 -6.93 23.02 -32.66
N ARG B 113 -6.78 23.24 -33.95
CA ARG B 113 -7.93 23.33 -34.84
C ARG B 113 -8.85 22.08 -34.80
N ASP B 114 -8.28 20.89 -34.86
CA ASP B 114 -9.08 19.66 -34.84
C ASP B 114 -9.89 19.50 -33.54
N ASP B 115 -9.29 19.82 -32.40
CA ASP B 115 -9.99 19.70 -31.11
C ASP B 115 -11.18 20.61 -31.02
N ILE B 116 -11.02 21.83 -31.54
CA ILE B 116 -12.08 22.81 -31.51
C ILE B 116 -13.22 22.35 -32.39
N MET B 117 -12.90 21.83 -33.58
CA MET B 117 -13.96 21.39 -34.47
C MET B 117 -14.60 20.14 -33.92
N ARG B 118 -13.83 19.36 -33.18
CA ARG B 118 -14.38 18.17 -32.56
C ARG B 118 -15.35 18.65 -31.49
N LEU B 119 -14.94 19.68 -30.74
CA LEU B 119 -15.76 20.21 -29.67
C LEU B 119 -17.00 20.89 -30.20
N ASP B 120 -16.98 21.27 -31.48
CA ASP B 120 -18.18 21.89 -32.06
C ASP B 120 -19.30 20.87 -31.92
N ASP B 121 -18.94 19.60 -31.93
CA ASP B 121 -19.94 18.57 -31.80
C ASP B 121 -19.97 18.17 -30.34
N THR B 122 -20.85 17.24 -30.01
CA THR B 122 -20.97 16.81 -28.63
C THR B 122 -19.81 15.97 -28.11
N VAL B 123 -19.34 16.34 -26.92
CA VAL B 123 -18.27 15.61 -26.21
C VAL B 123 -18.70 15.51 -24.75
N HIS B 124 -18.93 14.29 -24.28
CA HIS B 124 -19.37 14.09 -22.89
C HIS B 124 -18.20 13.85 -21.98
N VAL B 125 -17.14 13.25 -22.50
CA VAL B 125 -16.01 12.94 -21.64
C VAL B 125 -14.70 13.34 -22.25
N VAL B 126 -13.87 14.00 -21.45
CA VAL B 126 -12.57 14.40 -21.95
C VAL B 126 -11.49 13.70 -21.16
N ILE B 127 -10.56 13.07 -21.88
CA ILE B 127 -9.43 12.38 -21.28
C ILE B 127 -8.27 13.25 -21.74
N ALA B 128 -7.49 13.80 -20.81
CA ALA B 128 -6.43 14.69 -21.21
C ALA B 128 -5.22 14.81 -20.31
N THR B 129 -4.17 15.44 -20.85
CA THR B 129 -2.97 15.73 -20.09
C THR B 129 -3.22 17.10 -19.44
N PRO B 130 -2.52 17.41 -18.36
CA PRO B 130 -2.68 18.68 -17.63
C PRO B 130 -2.62 19.97 -18.46
N GLY B 131 -1.46 20.20 -19.05
CA GLY B 131 -1.25 21.40 -19.86
C GLY B 131 -2.26 21.62 -20.98
N ARG B 132 -2.50 20.57 -21.75
CA ARG B 132 -3.45 20.66 -22.84
C ARG B 132 -4.86 21.06 -22.43
N ILE B 133 -5.40 20.42 -21.41
CA ILE B 133 -6.78 20.72 -21.03
C ILE B 133 -6.90 22.17 -20.50
N LEU B 134 -5.95 22.60 -19.68
CA LEU B 134 -5.94 23.97 -19.17
C LEU B 134 -5.86 24.95 -20.35
N ASP B 135 -5.06 24.63 -21.36
CA ASP B 135 -4.95 25.52 -22.53
C ASP B 135 -6.30 25.67 -23.21
N LEU B 136 -6.99 24.54 -23.45
CA LEU B 136 -8.29 24.56 -24.10
C LEU B 136 -9.35 25.29 -23.29
N ILE B 137 -9.28 25.15 -21.97
CA ILE B 137 -10.23 25.82 -21.09
C ILE B 137 -9.99 27.33 -21.06
N LYS B 138 -8.74 27.73 -20.95
CA LYS B 138 -8.43 29.15 -20.92
C LYS B 138 -8.70 29.80 -22.26
N LYS B 139 -8.69 29.01 -23.33
CA LYS B 139 -8.95 29.54 -24.65
C LYS B 139 -10.43 29.66 -24.96
N GLY B 140 -11.28 29.18 -24.06
CA GLY B 140 -12.72 29.25 -24.31
C GLY B 140 -13.25 28.10 -25.17
N VAL B 141 -12.38 27.24 -25.68
CA VAL B 141 -12.83 26.13 -26.51
C VAL B 141 -13.46 24.97 -25.73
N ALA B 142 -12.92 24.65 -24.55
CA ALA B 142 -13.51 23.58 -23.75
C ALA B 142 -14.35 24.19 -22.63
N LYS B 143 -15.67 24.07 -22.72
CA LYS B 143 -16.55 24.61 -21.70
C LYS B 143 -16.73 23.55 -20.62
N VAL B 144 -16.29 23.86 -19.41
CA VAL B 144 -16.34 22.93 -18.29
C VAL B 144 -17.34 23.25 -17.19
N ASP B 145 -18.28 24.15 -17.45
CA ASP B 145 -19.24 24.51 -16.43
C ASP B 145 -20.24 23.41 -16.06
N HIS B 146 -20.24 22.32 -16.82
CA HIS B 146 -21.15 21.21 -16.52
C HIS B 146 -20.40 19.99 -15.99
N VAL B 147 -19.09 20.11 -15.80
CA VAL B 147 -18.31 18.98 -15.28
C VAL B 147 -18.69 18.68 -13.85
N GLN B 148 -19.17 17.47 -13.61
CA GLN B 148 -19.56 17.08 -12.26
C GLN B 148 -18.58 16.08 -11.66
N MET B 149 -17.65 15.60 -12.47
CA MET B 149 -16.68 14.64 -11.97
C MET B 149 -15.30 14.78 -12.61
N ILE B 150 -14.25 14.78 -11.81
CA ILE B 150 -12.92 14.85 -12.37
C ILE B 150 -12.07 13.78 -11.71
N VAL B 151 -11.31 13.06 -12.55
CA VAL B 151 -10.43 12.01 -12.07
C VAL B 151 -9.00 12.43 -12.28
N LEU B 152 -8.19 12.24 -11.26
CA LEU B 152 -6.77 12.52 -11.34
C LEU B 152 -6.15 11.12 -11.25
N ASP B 153 -5.56 10.65 -12.35
CA ASP B 153 -4.95 9.33 -12.39
C ASP B 153 -3.45 9.58 -12.21
N GLU B 154 -2.82 8.87 -11.27
CA GLU B 154 -1.39 9.08 -10.95
C GLU B 154 -1.25 10.53 -10.46
N ALA B 155 -2.01 10.89 -9.43
CA ALA B 155 -1.98 12.25 -8.91
C ALA B 155 -0.62 12.71 -8.44
N ASP B 156 0.19 11.81 -7.91
CA ASP B 156 1.49 12.25 -7.44
C ASP B 156 2.27 12.88 -8.58
N LYS B 157 2.16 12.33 -9.78
CA LYS B 157 2.87 12.89 -10.92
C LYS B 157 2.19 14.16 -11.38
N LEU B 158 0.86 14.17 -11.38
CA LEU B 158 0.14 15.36 -11.80
C LEU B 158 0.37 16.50 -10.83
N LEU B 159 0.78 16.18 -9.61
CA LEU B 159 0.97 17.23 -8.61
C LEU B 159 2.43 17.55 -8.32
N SER B 160 3.32 17.03 -9.15
CA SER B 160 4.74 17.29 -8.97
C SER B 160 5.02 18.75 -9.31
N GLN B 161 6.29 19.14 -9.27
CA GLN B 161 6.67 20.53 -9.53
C GLN B 161 6.29 21.13 -10.89
N ASP B 162 6.43 20.37 -11.96
CA ASP B 162 6.12 20.87 -13.29
C ASP B 162 4.63 20.94 -13.62
N PHE B 163 3.78 20.27 -12.84
CA PHE B 163 2.34 20.29 -13.13
C PHE B 163 1.45 20.80 -12.01
N VAL B 164 1.97 20.86 -10.79
CA VAL B 164 1.18 21.29 -9.65
C VAL B 164 0.34 22.58 -9.89
N GLN B 165 0.95 23.64 -10.42
CA GLN B 165 0.20 24.89 -10.66
C GLN B 165 -0.88 24.74 -11.71
N ILE B 166 -0.59 23.93 -12.71
CA ILE B 166 -1.55 23.71 -13.78
C ILE B 166 -2.79 22.96 -13.30
N MET B 167 -2.60 22.01 -12.39
CA MET B 167 -3.73 21.26 -11.84
C MET B 167 -4.57 22.20 -11.00
N GLU B 168 -3.89 22.98 -10.16
CA GLU B 168 -4.56 23.95 -9.31
C GLU B 168 -5.40 24.86 -10.20
N ASP B 169 -4.83 25.30 -11.31
CA ASP B 169 -5.55 26.16 -12.24
C ASP B 169 -6.72 25.43 -12.86
N ILE B 170 -6.54 24.16 -13.20
CA ILE B 170 -7.66 23.45 -13.77
C ILE B 170 -8.82 23.37 -12.77
N ILE B 171 -8.56 22.84 -11.59
CA ILE B 171 -9.59 22.70 -10.56
C ILE B 171 -10.41 23.94 -10.34
N LEU B 172 -9.76 25.09 -10.32
CA LEU B 172 -10.47 26.34 -10.08
C LEU B 172 -11.44 26.77 -11.17
N THR B 173 -11.35 26.20 -12.37
CA THR B 173 -12.29 26.59 -13.40
C THR B 173 -13.53 25.68 -13.39
N LEU B 174 -13.51 24.66 -12.52
CA LEU B 174 -14.62 23.70 -12.48
C LEU B 174 -15.69 24.06 -11.46
N PRO B 175 -16.90 23.52 -11.63
CA PRO B 175 -17.98 23.81 -10.65
C PRO B 175 -17.44 23.50 -9.26
N LYS B 176 -17.75 24.34 -8.29
CA LYS B 176 -17.26 24.16 -6.93
C LYS B 176 -17.64 22.84 -6.25
N ASN B 177 -18.75 22.24 -6.68
CA ASN B 177 -19.24 21.01 -6.09
C ASN B 177 -18.92 19.78 -6.92
N ARG B 178 -17.85 19.82 -7.70
CA ARG B 178 -17.51 18.67 -8.52
C ARG B 178 -16.92 17.52 -7.70
N GLN B 179 -17.25 16.31 -8.11
CA GLN B 179 -16.73 15.13 -7.45
C GLN B 179 -15.32 14.92 -7.93
N ILE B 180 -14.44 14.59 -7.00
CA ILE B 180 -13.06 14.35 -7.34
C ILE B 180 -12.65 12.96 -6.95
N LEU B 181 -12.11 12.22 -7.91
CA LEU B 181 -11.62 10.86 -7.69
C LEU B 181 -10.12 10.91 -7.91
N LEU B 182 -9.36 10.75 -6.84
CA LEU B 182 -7.91 10.80 -6.95
C LEU B 182 -7.27 9.43 -6.74
N TYR B 183 -6.46 8.99 -7.70
CA TYR B 183 -5.78 7.70 -7.60
C TYR B 183 -4.26 7.96 -7.71
N SER B 184 -3.47 7.44 -6.80
CA SER B 184 -2.02 7.66 -6.87
C SER B 184 -1.27 6.55 -6.16
N ALA B 185 -0.03 6.29 -6.61
CA ALA B 185 0.78 5.26 -5.99
C ALA B 185 1.36 5.80 -4.72
N THR B 186 1.67 7.09 -4.74
CA THR B 186 2.28 7.72 -3.58
C THR B 186 1.53 8.96 -3.17
N PHE B 187 1.81 9.44 -1.96
CA PHE B 187 1.13 10.63 -1.47
C PHE B 187 2.08 11.60 -0.81
N PRO B 188 3.03 12.15 -1.58
CA PRO B 188 3.98 13.11 -1.02
C PRO B 188 3.28 14.34 -0.46
N LEU B 189 4.06 15.26 0.09
CA LEU B 189 3.51 16.49 0.65
C LEU B 189 2.61 17.23 -0.35
N SER B 190 3.02 17.28 -1.61
CA SER B 190 2.24 17.96 -2.64
C SER B 190 0.83 17.37 -2.77
N VAL B 191 0.73 16.06 -2.78
CA VAL B 191 -0.58 15.43 -2.91
C VAL B 191 -1.42 15.76 -1.67
N GLN B 192 -0.81 15.69 -0.49
CA GLN B 192 -1.53 15.98 0.76
C GLN B 192 -2.13 17.38 0.72
N LYS B 193 -1.34 18.35 0.30
CA LYS B 193 -1.86 19.72 0.22
C LYS B 193 -3.07 19.76 -0.68
N PHE B 194 -2.93 19.23 -1.89
CA PHE B 194 -4.05 19.22 -2.82
C PHE B 194 -5.26 18.60 -2.16
N MET B 195 -5.04 17.45 -1.54
CA MET B 195 -6.07 16.72 -0.82
C MET B 195 -6.77 17.57 0.23
N ASN B 196 -6.00 18.03 1.21
CA ASN B 196 -6.56 18.82 2.30
C ASN B 196 -7.09 20.15 1.82
N SER B 197 -6.97 20.40 0.53
CA SER B 197 -7.44 21.67 -0.01
C SER B 197 -8.70 21.52 -0.86
N HIS B 198 -8.75 20.51 -1.71
CA HIS B 198 -9.91 20.34 -2.58
C HIS B 198 -10.86 19.18 -2.29
N LEU B 199 -10.33 18.08 -1.78
CA LEU B 199 -11.19 16.92 -1.48
C LEU B 199 -12.14 17.21 -0.32
N GLU B 200 -13.33 16.66 -0.38
CA GLU B 200 -14.28 16.90 0.70
C GLU B 200 -14.57 15.58 1.39
N LYS B 201 -14.04 15.43 2.60
CA LYS B 201 -14.20 14.23 3.40
C LYS B 201 -14.17 13.03 2.45
N PRO B 202 -13.05 12.85 1.74
CA PRO B 202 -12.96 11.74 0.79
C PRO B 202 -12.98 10.34 1.41
N TYR B 203 -13.49 9.39 0.65
CA TYR B 203 -13.51 7.99 1.07
C TYR B 203 -12.11 7.53 0.73
N GLU B 204 -11.34 7.13 1.74
CA GLU B 204 -9.98 6.68 1.52
C GLU B 204 -9.89 5.20 1.21
N ILE B 205 -9.24 4.87 0.11
CA ILE B 205 -9.06 3.48 -0.26
C ILE B 205 -7.57 3.24 -0.09
N ASN B 206 -7.22 2.57 1.00
CA ASN B 206 -5.82 2.30 1.27
C ASN B 206 -5.32 1.12 0.47
ZN ZN C . 7.36 -31.83 22.37
O1 TLA D . -0.45 18.63 -21.97
O11 TLA D . 0.18 19.56 -23.90
C1 TLA D . 0.36 18.77 -22.92
C2 TLA D . 1.64 17.96 -22.90
O2 TLA D . 2.50 18.35 -23.96
C3 TLA D . 1.31 16.50 -23.02
O3 TLA D . 0.64 16.23 -24.22
C4 TLA D . 2.60 15.72 -22.91
O4 TLA D . 3.17 15.67 -21.81
O41 TLA D . 3.08 15.15 -23.89
#